data_6HYK
#
_entry.id   6HYK
#
_entity_poly.entity_id   1
_entity_poly.type   'polyribonucleotide'
_entity_poly.pdbx_seq_one_letter_code
;GGCACGGUGAUGACCUUCGGGUCUGAGUGCC
;
_entity_poly.pdbx_strand_id   A
#
loop_
_chem_comp.id
_chem_comp.type
_chem_comp.name
_chem_comp.formula
A RNA linking ADENOSINE-5'-MONOPHOSPHATE 'C10 H14 N5 O7 P'
C RNA linking CYTIDINE-5'-MONOPHOSPHATE 'C9 H14 N3 O8 P'
G RNA linking GUANOSINE-5'-MONOPHOSPHATE 'C10 H14 N5 O8 P'
U RNA linking URIDINE-5'-MONOPHOSPHATE 'C9 H13 N2 O9 P'
#